data_1A8U
#
_entry.id   1A8U
#
_cell.length_a   124.870
_cell.length_b   124.870
_cell.length_c   124.870
_cell.angle_alpha   90.00
_cell.angle_beta   90.00
_cell.angle_gamma   90.00
#
_symmetry.space_group_name_H-M   'P 21 3'
#
loop_
_entity.id
_entity.type
_entity.pdbx_description
1 polymer 'CHLOROPEROXIDASE T'
2 non-polymer 'SULFATE ION'
3 non-polymer 'BENZOIC ACID'
4 water water
#
_entity_poly.entity_id   1
_entity_poly.type   'polypeptide(L)'
_entity_poly.pdbx_seq_one_letter_code
;PFITVGQENSTSIDLYYEDHGAGQPVVLIHGFPLSGHSWERQSAALLDAGYRVITYDRRGFGQSSQPTTGYDYDTFAADL
NTVLETLDLQDAVLVGFSMGTGEVARYVSSYGTARIAKVAFLASLEPFLLKTDDNPDGAAPKEFFDGIVAAVKADRYAFY
TGFFNDFYNLDENLGTRISEEAVRNSWNTAASGGFFAAAAAPTTWYTDFRADIPRIDVPALILHGTGDRTLPIENTARVF
HKALPSAEYVEVEGAPHGLLWTHAEEVNTALLAFLAK
;
_entity_poly.pdbx_strand_id   A,B
#
# COMPACT_ATOMS: atom_id res chain seq x y z
N PRO A 1 3.77 23.26 -4.32
CA PRO A 1 4.93 23.30 -3.37
C PRO A 1 6.22 23.29 -4.16
N PHE A 2 7.29 23.84 -3.59
CA PHE A 2 8.55 23.95 -4.32
C PHE A 2 9.76 23.66 -3.44
N ILE A 3 10.76 23.11 -4.09
CA ILE A 3 12.10 22.93 -3.51
C ILE A 3 13.09 23.72 -4.37
N THR A 4 13.85 24.59 -3.69
CA THR A 4 14.85 25.37 -4.45
C THR A 4 16.10 24.54 -4.67
N VAL A 5 16.59 24.52 -5.92
CA VAL A 5 17.76 23.74 -6.27
C VAL A 5 18.93 24.58 -6.78
N GLY A 6 18.75 25.90 -6.94
CA GLY A 6 19.90 26.67 -7.39
C GLY A 6 19.46 28.11 -7.72
N GLN A 7 20.38 28.81 -8.36
CA GLN A 7 20.14 30.22 -8.67
C GLN A 7 20.46 30.44 -10.15
N GLU A 8 19.66 31.27 -10.81
CA GLU A 8 19.93 31.66 -12.19
C GLU A 8 19.82 33.19 -12.23
N ASN A 9 20.95 33.85 -12.37
CA ASN A 9 20.96 35.34 -12.39
C ASN A 9 20.24 35.84 -11.14
N SER A 10 19.25 36.72 -11.25
CA SER A 10 18.54 37.20 -10.08
C SER A 10 17.47 36.28 -9.51
N THR A 11 17.26 35.12 -10.12
CA THR A 11 16.17 34.26 -9.71
C THR A 11 16.59 32.95 -9.07
N SER A 12 15.70 32.42 -8.24
CA SER A 12 16.02 31.06 -7.76
C SER A 12 15.41 30.05 -8.70
N ILE A 13 15.98 28.85 -8.76
CA ILE A 13 15.49 27.76 -9.59
C ILE A 13 14.71 26.83 -8.65
N ASP A 14 13.41 26.81 -8.85
CA ASP A 14 12.55 26.06 -7.91
C ASP A 14 11.88 24.90 -8.60
N LEU A 15 11.90 23.71 -8.00
CA LEU A 15 11.19 22.58 -8.62
C LEU A 15 9.86 22.36 -7.93
N TYR A 16 8.80 22.29 -8.72
CA TYR A 16 7.49 21.96 -8.16
C TYR A 16 7.51 20.51 -7.66
N TYR A 17 6.87 20.27 -6.51
CA TYR A 17 6.79 18.89 -6.01
C TYR A 17 5.52 18.71 -5.18
N GLU A 18 5.17 17.43 -5.01
CA GLU A 18 4.05 17.05 -4.16
C GLU A 18 4.51 15.89 -3.27
N ASP A 19 3.83 15.76 -2.11
CA ASP A 19 4.23 14.76 -1.12
C ASP A 19 2.96 14.28 -0.45
N HIS A 20 2.54 13.07 -0.79
CA HIS A 20 1.25 12.56 -0.33
C HIS A 20 1.36 11.20 0.35
N GLY A 21 0.37 10.94 1.19
CA GLY A 21 0.29 9.61 1.82
C GLY A 21 1.29 9.42 2.96
N ALA A 22 1.56 8.18 3.31
CA ALA A 22 2.47 7.87 4.42
C ALA A 22 3.02 6.45 4.22
N GLY A 23 4.15 6.18 4.83
CA GLY A 23 4.74 4.84 4.63
C GLY A 23 6.10 5.00 3.96
N GLN A 24 6.59 3.94 3.33
CA GLN A 24 7.90 4.01 2.68
C GLN A 24 7.83 5.03 1.56
N PRO A 25 8.81 5.93 1.50
CA PRO A 25 8.83 6.91 0.44
C PRO A 25 9.08 6.31 -0.93
N VAL A 26 8.26 6.71 -1.92
CA VAL A 26 8.44 6.28 -3.30
C VAL A 26 8.55 7.57 -4.12
N VAL A 27 9.70 7.78 -4.75
CA VAL A 27 9.93 9.02 -5.51
C VAL A 27 9.74 8.69 -6.99
N LEU A 28 8.77 9.35 -7.64
CA LEU A 28 8.48 9.08 -9.06
C LEU A 28 9.05 10.21 -9.91
N ILE A 29 9.87 9.85 -10.91
CA ILE A 29 10.59 10.85 -11.71
C ILE A 29 10.17 10.76 -13.16
N HIS A 30 9.38 11.72 -13.62
CA HIS A 30 8.78 11.68 -14.94
C HIS A 30 9.68 11.83 -16.16
N GLY A 31 9.05 11.60 -17.32
CA GLY A 31 9.78 11.71 -18.59
C GLY A 31 9.47 13.02 -19.32
N PHE A 32 10.13 13.17 -20.48
CA PHE A 32 9.90 14.33 -21.35
C PHE A 32 8.64 14.21 -22.16
N PRO A 33 7.93 15.29 -22.40
CA PRO A 33 8.13 16.62 -21.84
C PRO A 33 7.01 16.92 -20.81
N LEU A 34 6.76 15.95 -19.96
CA LEU A 34 5.60 15.98 -19.05
C LEU A 34 5.97 16.45 -17.66
N SER A 35 5.31 15.92 -16.63
CA SER A 35 5.52 16.43 -15.28
C SER A 35 5.15 15.32 -14.29
N GLY A 36 5.32 15.62 -13.00
CA GLY A 36 4.94 14.67 -11.95
C GLY A 36 3.49 14.21 -12.08
N HIS A 37 2.58 15.03 -12.59
CA HIS A 37 1.19 14.65 -12.74
C HIS A 37 0.98 13.52 -13.75
N SER A 38 1.97 13.23 -14.60
CA SER A 38 1.83 12.12 -15.54
C SER A 38 1.83 10.79 -14.83
N TRP A 39 2.20 10.74 -13.54
CA TRP A 39 2.15 9.51 -12.78
C TRP A 39 0.82 9.29 -12.08
N GLU A 40 -0.23 10.06 -12.36
CA GLU A 40 -1.47 9.96 -11.58
C GLU A 40 -2.02 8.56 -11.44
N ARG A 41 -1.91 7.71 -12.45
CA ARG A 41 -2.48 6.36 -12.33
C ARG A 41 -1.64 5.50 -11.39
N GLN A 42 -0.32 5.70 -11.35
CA GLN A 42 0.57 5.00 -10.44
C GLN A 42 0.47 5.58 -9.02
N SER A 43 0.35 6.93 -8.95
CA SER A 43 0.23 7.57 -7.66
C SER A 43 -1.01 7.06 -6.92
N ALA A 44 -2.13 6.96 -7.66
CA ALA A 44 -3.34 6.47 -7.00
C ALA A 44 -3.11 5.06 -6.47
N ALA A 45 -2.52 4.17 -7.26
CA ALA A 45 -2.29 2.80 -6.86
C ALA A 45 -1.32 2.72 -5.68
N LEU A 46 -0.28 3.56 -5.68
CA LEU A 46 0.69 3.49 -4.58
C LEU A 46 0.11 4.01 -3.28
N LEU A 47 -0.71 5.09 -3.41
CA LEU A 47 -1.36 5.62 -2.23
C LEU A 47 -2.32 4.59 -1.63
N ASP A 48 -3.06 3.90 -2.51
CA ASP A 48 -3.97 2.87 -1.99
C ASP A 48 -3.23 1.70 -1.35
N ALA A 49 -2.00 1.47 -1.80
CA ALA A 49 -1.18 0.35 -1.29
C ALA A 49 -0.41 0.75 -0.04
N GLY A 50 -0.53 1.97 0.46
CA GLY A 50 0.12 2.38 1.68
C GLY A 50 1.53 2.91 1.57
N TYR A 51 1.85 3.59 0.46
CA TYR A 51 3.16 4.21 0.31
C TYR A 51 3.02 5.74 0.39
N ARG A 52 4.17 6.36 0.72
CA ARG A 52 4.24 7.83 0.66
C ARG A 52 4.78 8.16 -0.75
N VAL A 53 4.03 8.95 -1.51
CA VAL A 53 4.40 9.22 -2.91
C VAL A 53 4.93 10.66 -3.03
N ILE A 54 6.17 10.74 -3.54
CA ILE A 54 6.77 12.07 -3.74
C ILE A 54 6.99 12.19 -5.24
N THR A 55 6.49 13.30 -5.80
CA THR A 55 6.72 13.55 -7.23
C THR A 55 7.35 14.92 -7.35
N TYR A 56 8.14 15.16 -8.40
CA TYR A 56 8.62 16.53 -8.63
C TYR A 56 8.73 16.69 -10.15
N ASP A 57 8.76 17.97 -10.53
CA ASP A 57 8.84 18.30 -11.97
C ASP A 57 10.29 18.67 -12.27
N ARG A 58 10.85 18.02 -13.29
CA ARG A 58 12.22 18.31 -13.71
C ARG A 58 12.35 19.78 -14.04
N ARG A 59 13.53 20.35 -13.83
CA ARG A 59 13.74 21.75 -14.23
C ARG A 59 13.37 21.92 -15.71
N GLY A 60 12.60 22.99 -15.95
CA GLY A 60 12.14 23.30 -17.30
C GLY A 60 10.87 22.61 -17.72
N PHE A 61 10.29 21.76 -16.87
CA PHE A 61 9.08 21.03 -17.20
C PHE A 61 7.98 21.25 -16.16
N GLY A 62 6.74 21.04 -16.58
CA GLY A 62 5.66 21.14 -15.60
C GLY A 62 5.56 22.53 -15.00
N GLN A 63 5.50 22.55 -13.66
CA GLN A 63 5.35 23.84 -12.97
C GLN A 63 6.67 24.28 -12.36
N SER A 64 7.79 23.63 -12.76
CA SER A 64 9.06 24.10 -12.20
C SER A 64 9.56 25.33 -12.95
N SER A 65 10.54 25.99 -12.32
CA SER A 65 11.19 27.10 -12.98
C SER A 65 11.73 26.61 -14.32
N GLN A 66 11.95 27.59 -15.20
CA GLN A 66 12.43 27.34 -16.56
C GLN A 66 13.78 27.98 -16.86
N PRO A 67 14.83 27.56 -16.17
CA PRO A 67 16.14 28.15 -16.44
C PRO A 67 16.63 27.79 -17.81
N THR A 68 17.65 28.50 -18.28
CA THR A 68 18.30 28.20 -19.55
C THR A 68 19.67 27.58 -19.26
N THR A 69 19.77 26.84 -18.16
CA THR A 69 21.02 26.22 -17.73
C THR A 69 20.73 24.93 -17.00
N GLY A 70 21.70 24.01 -17.02
CA GLY A 70 21.56 22.79 -16.23
C GLY A 70 20.94 21.59 -16.90
N TYR A 71 20.84 21.58 -18.23
CA TYR A 71 20.23 20.44 -18.91
C TYR A 71 21.27 19.37 -19.20
N ASP A 72 21.58 18.61 -18.17
CA ASP A 72 22.58 17.53 -18.23
C ASP A 72 22.31 16.62 -17.03
N TYR A 73 22.64 15.34 -17.18
CA TYR A 73 22.32 14.42 -16.07
C TYR A 73 23.09 14.62 -14.80
N ASP A 74 24.28 15.24 -14.78
CA ASP A 74 24.89 15.53 -13.48
C ASP A 74 24.03 16.56 -12.75
N THR A 75 23.55 17.61 -13.46
CA THR A 75 22.70 18.59 -12.77
C THR A 75 21.37 17.96 -12.38
N PHE A 76 20.78 17.19 -13.31
CA PHE A 76 19.51 16.52 -12.99
C PHE A 76 19.63 15.64 -11.75
N ALA A 77 20.74 14.91 -11.63
CA ALA A 77 20.96 14.06 -10.45
C ALA A 77 21.25 14.88 -9.19
N ALA A 78 21.92 16.03 -9.36
CA ALA A 78 22.15 16.92 -8.22
C ALA A 78 20.83 17.54 -7.77
N ASP A 79 19.92 17.79 -8.70
CA ASP A 79 18.59 18.27 -8.32
C ASP A 79 17.86 17.23 -7.48
N LEU A 80 17.90 15.97 -7.97
CA LEU A 80 17.31 14.88 -7.17
C LEU A 80 17.99 14.79 -5.81
N ASN A 81 19.31 14.85 -5.74
CA ASN A 81 19.98 14.83 -4.45
C ASN A 81 19.45 15.95 -3.54
N THR A 82 19.21 17.14 -4.07
CA THR A 82 18.69 18.22 -3.21
C THR A 82 17.29 17.87 -2.75
N VAL A 83 16.45 17.30 -3.63
CA VAL A 83 15.12 16.91 -3.16
C VAL A 83 15.21 15.89 -2.04
N LEU A 84 16.04 14.85 -2.22
CA LEU A 84 16.14 13.83 -1.17
C LEU A 84 16.69 14.38 0.14
N GLU A 85 17.69 15.26 0.07
CA GLU A 85 18.25 15.80 1.33
C GLU A 85 17.29 16.78 1.98
N THR A 86 16.62 17.59 1.19
CA THR A 86 15.68 18.60 1.72
C THR A 86 14.56 17.93 2.48
N LEU A 87 14.09 16.81 1.97
CA LEU A 87 13.00 16.06 2.60
C LEU A 87 13.49 15.01 3.59
N ASP A 88 14.80 14.80 3.67
CA ASP A 88 15.45 13.75 4.44
C ASP A 88 14.83 12.38 4.16
N LEU A 89 14.65 12.08 2.86
CA LEU A 89 14.04 10.79 2.56
C LEU A 89 15.04 9.68 2.83
N GLN A 90 14.57 8.62 3.50
CA GLN A 90 15.40 7.46 3.82
C GLN A 90 14.62 6.20 3.48
N ASP A 91 15.31 5.10 3.23
CA ASP A 91 14.71 3.83 2.81
C ASP A 91 13.75 4.04 1.66
N ALA A 92 14.19 4.85 0.69
CA ALA A 92 13.27 5.30 -0.36
C ALA A 92 13.39 4.48 -1.63
N VAL A 93 12.30 4.41 -2.38
CA VAL A 93 12.33 3.73 -3.66
C VAL A 93 12.39 4.81 -4.75
N LEU A 94 13.28 4.68 -5.72
CA LEU A 94 13.34 5.65 -6.81
C LEU A 94 12.75 4.98 -8.05
N VAL A 95 11.74 5.60 -8.65
CA VAL A 95 11.13 5.04 -9.86
C VAL A 95 11.29 6.05 -10.98
N GLY A 96 11.96 5.68 -12.07
CA GLY A 96 12.08 6.64 -13.17
C GLY A 96 11.26 6.17 -14.36
N PHE A 97 10.74 7.13 -15.12
CA PHE A 97 10.10 6.81 -16.39
C PHE A 97 10.94 7.55 -17.44
N SER A 98 11.50 6.81 -18.39
CA SER A 98 12.21 7.37 -19.53
C SER A 98 13.26 8.39 -19.14
N MET A 99 13.13 9.71 -19.41
CA MET A 99 14.18 10.57 -18.84
C MET A 99 14.43 10.34 -17.35
N GLY A 100 13.42 10.01 -16.54
CA GLY A 100 13.63 9.78 -15.13
C GLY A 100 14.55 8.60 -14.81
N THR A 101 14.66 7.64 -15.73
CA THR A 101 15.62 6.55 -15.53
C THR A 101 17.05 7.03 -15.57
N GLY A 102 17.34 8.19 -16.18
CA GLY A 102 18.66 8.78 -16.09
C GLY A 102 18.97 9.32 -14.71
N GLU A 103 18.00 10.07 -14.10
CA GLU A 103 18.24 10.54 -12.73
C GLU A 103 18.55 9.35 -11.83
N VAL A 104 17.75 8.27 -11.96
CA VAL A 104 17.92 7.15 -11.02
C VAL A 104 19.33 6.55 -11.15
N ALA A 105 19.74 6.22 -12.38
CA ALA A 105 21.09 5.65 -12.54
C ALA A 105 22.23 6.59 -12.17
N ARG A 106 22.13 7.87 -12.59
CA ARG A 106 23.23 8.79 -12.31
C ARG A 106 23.29 9.10 -10.84
N TYR A 107 22.13 9.26 -10.18
CA TYR A 107 22.13 9.49 -8.73
C TYR A 107 22.78 8.32 -8.00
N VAL A 108 22.31 7.08 -8.27
CA VAL A 108 22.88 5.93 -7.53
C VAL A 108 24.38 5.86 -7.78
N SER A 109 24.77 6.09 -9.02
CA SER A 109 26.19 6.00 -9.37
C SER A 109 27.03 7.04 -8.66
N SER A 110 26.62 8.32 -8.74
CA SER A 110 27.43 9.37 -8.13
C SER A 110 27.29 9.41 -6.63
N TYR A 111 26.09 9.26 -6.06
CA TYR A 111 25.85 9.47 -4.65
C TYR A 111 25.73 8.22 -3.77
N GLY A 112 25.54 7.08 -4.39
CA GLY A 112 25.44 5.83 -3.62
C GLY A 112 24.02 5.61 -3.15
N THR A 113 23.80 4.49 -2.46
CA THR A 113 22.42 4.12 -2.08
C THR A 113 22.14 4.10 -0.60
N ALA A 114 22.83 4.93 0.21
CA ALA A 114 22.54 4.97 1.63
C ALA A 114 21.07 5.29 1.89
N ARG A 115 20.45 6.18 1.10
CA ARG A 115 19.07 6.56 1.31
C ARG A 115 18.09 5.68 0.56
N ILE A 116 18.57 4.75 -0.26
CA ILE A 116 17.72 4.08 -1.23
C ILE A 116 17.53 2.60 -1.00
N ALA A 117 16.26 2.20 -0.97
CA ALA A 117 15.95 0.78 -0.78
C ALA A 117 15.90 -0.01 -2.06
N LYS A 118 15.28 0.49 -3.11
CA LYS A 118 15.08 -0.17 -4.39
C LYS A 118 15.04 0.86 -5.52
N VAL A 119 15.25 0.41 -6.75
CA VAL A 119 15.20 1.30 -7.91
C VAL A 119 14.37 0.62 -9.00
N ALA A 120 13.59 1.41 -9.73
CA ALA A 120 12.79 0.85 -10.82
C ALA A 120 12.96 1.73 -12.05
N PHE A 121 13.17 1.10 -13.20
CA PHE A 121 13.43 1.77 -14.45
C PHE A 121 12.36 1.39 -15.47
N LEU A 122 11.47 2.35 -15.76
CA LEU A 122 10.37 2.10 -16.70
C LEU A 122 10.62 2.85 -18.01
N ALA A 123 10.53 2.13 -19.13
CA ALA A 123 10.76 2.72 -20.46
C ALA A 123 12.09 3.48 -20.46
N SER A 124 13.13 2.73 -20.12
CA SER A 124 14.45 3.27 -19.89
C SER A 124 15.21 3.84 -21.09
N LEU A 125 16.10 4.80 -20.74
CA LEU A 125 17.06 5.28 -21.72
C LEU A 125 18.26 4.31 -21.80
N GLU A 126 18.60 3.67 -20.69
CA GLU A 126 19.82 2.89 -20.57
C GLU A 126 19.89 1.73 -21.54
N PRO A 127 21.14 1.34 -21.83
CA PRO A 127 22.35 1.83 -21.28
C PRO A 127 23.00 3.05 -21.89
N PHE A 128 22.81 3.27 -23.18
CA PHE A 128 23.46 4.38 -23.91
C PHE A 128 22.82 4.47 -25.28
N LEU A 129 21.95 5.45 -25.48
CA LEU A 129 21.13 5.48 -26.69
C LEU A 129 21.85 5.86 -27.96
N LEU A 130 23.06 6.41 -27.88
CA LEU A 130 23.76 6.82 -29.09
C LEU A 130 24.39 5.64 -29.83
N LYS A 131 24.10 5.51 -31.12
CA LYS A 131 24.73 4.43 -31.88
C LYS A 131 26.11 4.89 -32.34
N THR A 132 27.17 4.23 -31.92
CA THR A 132 28.54 4.53 -32.27
C THR A 132 29.23 3.22 -32.67
N ASP A 133 30.54 3.26 -32.90
CA ASP A 133 31.30 2.06 -33.24
C ASP A 133 31.52 1.20 -32.00
N ASP A 134 31.81 1.86 -30.88
CA ASP A 134 31.99 1.25 -29.58
C ASP A 134 30.64 0.86 -28.97
N ASN A 135 29.55 1.47 -29.44
CA ASN A 135 28.22 1.13 -28.96
C ASN A 135 27.24 0.85 -30.07
N PRO A 136 27.35 -0.31 -30.73
CA PRO A 136 26.47 -0.68 -31.81
C PRO A 136 25.04 -0.92 -31.42
N ASP A 137 24.75 -1.14 -30.12
CA ASP A 137 23.38 -1.33 -29.66
C ASP A 137 22.61 -0.01 -29.56
N GLY A 138 23.30 1.12 -29.70
CA GLY A 138 22.58 2.41 -29.63
C GLY A 138 21.48 2.48 -30.69
N ALA A 139 20.48 3.34 -30.46
CA ALA A 139 19.38 3.48 -31.40
C ALA A 139 19.68 4.35 -32.61
N ALA A 140 20.45 5.42 -32.47
CA ALA A 140 20.72 6.30 -33.61
C ALA A 140 21.96 7.16 -33.34
N PRO A 141 22.61 7.61 -34.41
CA PRO A 141 23.79 8.44 -34.32
C PRO A 141 23.40 9.87 -33.95
N LYS A 142 24.41 10.67 -33.61
CA LYS A 142 24.15 12.03 -33.19
C LYS A 142 23.29 12.86 -34.13
N GLU A 143 23.44 12.76 -35.42
CA GLU A 143 22.65 13.54 -36.38
C GLU A 143 21.15 13.35 -36.17
N PHE A 144 20.67 12.17 -35.76
CA PHE A 144 19.25 12.00 -35.52
C PHE A 144 18.80 12.95 -34.40
N PHE A 145 19.56 12.99 -33.31
CA PHE A 145 19.19 13.84 -32.16
C PHE A 145 19.40 15.31 -32.47
N ASP A 146 20.40 15.63 -33.30
CA ASP A 146 20.53 17.04 -33.73
C ASP A 146 19.28 17.46 -34.51
N GLY A 147 18.71 16.54 -35.31
CA GLY A 147 17.50 16.81 -36.06
C GLY A 147 16.31 17.05 -35.12
N ILE A 148 16.23 16.30 -34.02
CA ILE A 148 15.12 16.52 -33.06
C ILE A 148 15.27 17.89 -32.41
N VAL A 149 16.50 18.22 -32.00
CA VAL A 149 16.73 19.54 -31.41
C VAL A 149 16.25 20.62 -32.36
N ALA A 150 16.69 20.54 -33.62
CA ALA A 150 16.30 21.54 -34.60
C ALA A 150 14.80 21.57 -34.85
N ALA A 151 14.10 20.44 -34.81
CA ALA A 151 12.65 20.46 -35.00
C ALA A 151 11.92 21.14 -33.83
N VAL A 152 12.44 20.90 -32.61
CA VAL A 152 11.83 21.56 -31.45
C VAL A 152 12.06 23.05 -31.54
N LYS A 153 13.30 23.47 -31.91
CA LYS A 153 13.59 24.91 -32.04
C LYS A 153 12.81 25.59 -33.16
N ALA A 154 12.39 24.81 -34.16
CA ALA A 154 11.62 25.34 -35.28
C ALA A 154 10.16 25.57 -34.96
N ASP A 155 9.55 24.75 -34.13
CA ASP A 155 8.18 24.98 -33.70
C ASP A 155 7.87 23.86 -32.71
N ARG A 156 8.09 24.17 -31.41
CA ARG A 156 7.93 23.10 -30.43
C ARG A 156 6.48 22.67 -30.30
N TYR A 157 5.55 23.61 -30.51
CA TYR A 157 4.13 23.30 -30.37
C TYR A 157 3.65 22.31 -31.42
N ALA A 158 4.10 22.48 -32.67
CA ALA A 158 3.76 21.48 -33.68
C ALA A 158 4.54 20.19 -33.48
N PHE A 159 5.78 20.31 -33.02
CA PHE A 159 6.59 19.12 -32.76
C PHE A 159 5.87 18.17 -31.80
N TYR A 160 5.22 18.73 -30.77
CA TYR A 160 4.58 17.86 -29.78
C TYR A 160 3.51 16.96 -30.36
N THR A 161 2.80 17.41 -31.42
CA THR A 161 1.73 16.57 -31.97
C THR A 161 2.23 15.25 -32.52
N GLY A 162 3.24 15.31 -33.40
CA GLY A 162 3.75 14.03 -33.93
C GLY A 162 4.49 13.25 -32.87
N PHE A 163 5.12 13.97 -31.92
CA PHE A 163 5.81 13.30 -30.83
C PHE A 163 4.82 12.47 -30.02
N PHE A 164 3.65 12.98 -29.67
CA PHE A 164 2.69 12.20 -28.89
C PHE A 164 2.02 11.11 -29.72
N ASN A 165 1.92 11.34 -31.03
CA ASN A 165 1.35 10.28 -31.89
C ASN A 165 2.21 9.03 -31.76
N ASP A 166 3.53 9.16 -31.80
CA ASP A 166 4.43 8.04 -31.61
C ASP A 166 4.52 7.60 -30.15
N PHE A 167 4.47 8.53 -29.21
CA PHE A 167 4.61 8.21 -27.79
C PHE A 167 3.56 7.23 -27.31
N TYR A 168 2.31 7.47 -27.76
CA TYR A 168 1.20 6.63 -27.30
C TYR A 168 0.75 5.62 -28.36
N ASN A 169 1.46 5.52 -29.48
CA ASN A 169 0.98 4.66 -30.59
C ASN A 169 -0.49 4.95 -30.86
N LEU A 170 -0.80 6.20 -31.22
CA LEU A 170 -2.20 6.60 -31.36
C LEU A 170 -2.94 5.88 -32.47
N ASP A 171 -2.25 5.41 -33.49
CA ASP A 171 -2.96 4.65 -34.53
C ASP A 171 -3.55 3.35 -33.98
N GLU A 172 -3.02 2.79 -32.91
CA GLU A 172 -3.50 1.60 -32.25
C GLU A 172 -4.35 1.89 -31.01
N ASN A 173 -3.99 2.97 -30.29
CA ASN A 173 -4.61 3.20 -28.99
C ASN A 173 -5.55 4.37 -28.82
N LEU A 174 -5.64 5.31 -29.75
CA LEU A 174 -6.54 6.45 -29.57
C LEU A 174 -7.99 6.00 -29.54
N GLY A 175 -8.67 6.36 -28.46
CA GLY A 175 -10.07 5.97 -28.27
C GLY A 175 -10.25 4.63 -27.59
N THR A 176 -9.16 3.88 -27.35
CA THR A 176 -9.29 2.63 -26.63
C THR A 176 -8.43 2.76 -25.36
N ARG A 177 -7.11 2.71 -25.51
CA ARG A 177 -6.26 2.80 -24.33
C ARG A 177 -5.90 4.25 -23.94
N ILE A 178 -6.16 5.21 -24.80
CA ILE A 178 -5.96 6.60 -24.37
C ILE A 178 -6.97 7.46 -25.11
N SER A 179 -7.69 8.30 -24.39
CA SER A 179 -8.69 9.18 -24.98
C SER A 179 -8.08 10.40 -25.64
N GLU A 180 -8.78 11.05 -26.56
CA GLU A 180 -8.30 12.31 -27.15
C GLU A 180 -8.12 13.36 -26.06
N GLU A 181 -8.94 13.31 -25.01
CA GLU A 181 -8.82 14.28 -23.93
C GLU A 181 -7.51 14.07 -23.17
N ALA A 182 -7.18 12.81 -22.88
CA ALA A 182 -5.91 12.57 -22.17
C ALA A 182 -4.71 12.97 -23.03
N VAL A 183 -4.80 12.77 -24.35
CA VAL A 183 -3.69 13.20 -25.22
C VAL A 183 -3.60 14.71 -25.20
N ARG A 184 -4.75 15.39 -25.22
CA ARG A 184 -4.74 16.86 -25.20
C ARG A 184 -4.10 17.37 -23.90
N ASN A 185 -4.39 16.70 -22.79
CA ASN A 185 -3.78 17.10 -21.51
C ASN A 185 -2.28 16.98 -21.61
N SER A 186 -1.73 15.95 -22.23
CA SER A 186 -0.28 15.80 -22.40
C SER A 186 0.28 16.94 -23.26
N TRP A 187 -0.39 17.28 -24.36
CA TRP A 187 0.08 18.39 -25.19
C TRP A 187 0.10 19.66 -24.36
N ASN A 188 -0.96 19.91 -23.57
CA ASN A 188 -0.96 21.13 -22.74
C ASN A 188 0.23 21.14 -21.77
N THR A 189 0.52 20.02 -21.13
CA THR A 189 1.66 19.97 -20.21
C THR A 189 2.94 20.28 -20.96
N ALA A 190 3.12 19.68 -22.15
CA ALA A 190 4.30 19.95 -22.95
C ALA A 190 4.45 21.43 -23.30
N ALA A 191 3.35 22.07 -23.69
CA ALA A 191 3.39 23.49 -24.07
C ALA A 191 3.70 24.37 -22.88
N SER A 192 3.35 23.93 -21.67
CA SER A 192 3.63 24.67 -20.45
C SER A 192 5.09 24.58 -20.02
N GLY A 193 5.84 23.63 -20.57
CA GLY A 193 7.25 23.53 -20.17
C GLY A 193 8.04 24.66 -20.86
N GLY A 194 9.26 24.86 -20.37
CA GLY A 194 10.09 25.96 -20.89
C GLY A 194 10.56 25.71 -22.31
N PHE A 195 10.60 26.82 -23.09
CA PHE A 195 11.07 26.69 -24.47
C PHE A 195 12.50 26.15 -24.53
N PHE A 196 13.37 26.64 -23.62
CA PHE A 196 14.79 26.25 -23.70
C PHE A 196 14.96 24.79 -23.34
N ALA A 197 14.32 24.39 -22.23
CA ALA A 197 14.41 22.97 -21.82
C ALA A 197 13.89 22.03 -22.88
N ALA A 198 12.85 22.44 -23.60
CA ALA A 198 12.26 21.57 -24.63
C ALA A 198 13.29 21.16 -25.67
N ALA A 199 14.15 22.11 -26.05
CA ALA A 199 15.15 21.82 -27.09
C ALA A 199 16.49 21.41 -26.51
N ALA A 200 16.76 21.63 -25.24
CA ALA A 200 18.00 21.21 -24.62
C ALA A 200 17.95 19.78 -24.09
N ALA A 201 16.76 19.35 -23.65
CA ALA A 201 16.59 18.01 -23.12
C ALA A 201 16.91 16.89 -24.08
N PRO A 202 16.62 16.94 -25.37
CA PRO A 202 16.94 15.83 -26.27
C PRO A 202 18.40 15.47 -26.36
N THR A 203 19.30 16.45 -26.16
CA THR A 203 20.74 16.16 -26.16
C THR A 203 21.10 15.24 -25.02
N THR A 204 20.37 15.32 -23.90
CA THR A 204 20.64 14.47 -22.76
C THR A 204 20.16 13.03 -22.89
N TRP A 205 19.27 12.77 -23.85
CA TRP A 205 18.69 11.43 -24.00
C TRP A 205 19.75 10.37 -24.31
N TYR A 206 20.81 10.77 -25.01
CA TYR A 206 21.86 9.79 -25.35
C TYR A 206 23.09 9.86 -24.46
N THR A 207 22.86 10.27 -23.22
CA THR A 207 23.91 10.22 -22.19
C THR A 207 24.39 8.79 -22.04
N ASP A 208 25.69 8.59 -21.80
CA ASP A 208 26.15 7.20 -21.58
C ASP A 208 26.03 6.82 -20.13
N PHE A 209 25.24 5.78 -19.82
CA PHE A 209 25.04 5.34 -18.45
C PHE A 209 25.77 4.02 -18.20
N ARG A 210 26.64 3.62 -19.15
CA ARG A 210 27.27 2.30 -18.96
C ARG A 210 28.13 2.17 -17.75
N ALA A 211 28.77 3.25 -17.30
CA ALA A 211 29.59 3.21 -16.09
C ALA A 211 28.74 3.38 -14.86
N ASP A 212 27.47 3.83 -15.02
CA ASP A 212 26.63 3.98 -13.82
C ASP A 212 25.97 2.66 -13.41
N ILE A 213 25.66 1.81 -14.38
CA ILE A 213 24.92 0.57 -14.16
C ILE A 213 25.56 -0.37 -13.17
N PRO A 214 26.88 -0.60 -13.23
CA PRO A 214 27.55 -1.47 -12.29
C PRO A 214 27.50 -0.99 -10.85
N ARG A 215 27.17 0.29 -10.59
CA ARG A 215 27.04 0.84 -9.27
C ARG A 215 25.65 0.63 -8.67
N ILE A 216 24.71 0.05 -9.38
CA ILE A 216 23.38 -0.21 -8.81
C ILE A 216 23.52 -1.43 -7.90
N ASP A 217 23.44 -1.20 -6.59
CA ASP A 217 23.63 -2.25 -5.61
C ASP A 217 22.45 -2.52 -4.71
N VAL A 218 21.24 -2.20 -5.17
CA VAL A 218 20.00 -2.49 -4.43
C VAL A 218 19.08 -3.19 -5.43
N PRO A 219 18.01 -3.83 -4.97
CA PRO A 219 17.06 -4.49 -5.87
C PRO A 219 16.54 -3.55 -6.93
N ALA A 220 16.46 -4.07 -8.16
CA ALA A 220 16.06 -3.33 -9.33
C ALA A 220 15.03 -4.02 -10.20
N LEU A 221 14.20 -3.18 -10.81
CA LEU A 221 13.17 -3.59 -11.74
C LEU A 221 13.37 -2.85 -13.05
N ILE A 222 13.31 -3.55 -14.19
CA ILE A 222 13.40 -2.95 -15.50
C ILE A 222 12.12 -3.38 -16.24
N LEU A 223 11.34 -2.43 -16.72
CA LEU A 223 10.08 -2.71 -17.41
C LEU A 223 9.99 -1.87 -18.66
N HIS A 224 9.51 -2.45 -19.78
CA HIS A 224 9.46 -1.74 -21.05
C HIS A 224 8.34 -2.29 -21.91
N GLY A 225 7.80 -1.50 -22.81
CA GLY A 225 6.78 -2.00 -23.75
C GLY A 225 7.46 -2.51 -25.02
N THR A 226 6.94 -3.63 -25.56
CA THR A 226 7.52 -4.13 -26.81
C THR A 226 7.13 -3.32 -28.03
N GLY A 227 6.12 -2.45 -27.94
CA GLY A 227 5.72 -1.59 -29.04
C GLY A 227 6.20 -0.15 -28.87
N ASP A 228 7.24 0.01 -28.07
CA ASP A 228 7.78 1.37 -27.87
C ASP A 228 8.44 1.87 -29.15
N ARG A 229 7.88 2.93 -29.72
CA ARG A 229 8.37 3.53 -30.95
C ARG A 229 9.36 4.66 -30.70
N THR A 230 9.34 5.13 -29.47
CA THR A 230 10.14 6.26 -29.02
C THR A 230 11.53 5.81 -28.58
N LEU A 231 11.56 4.84 -27.67
CA LEU A 231 12.80 4.21 -27.20
C LEU A 231 12.69 2.72 -27.51
N PRO A 232 13.14 2.29 -28.69
CA PRO A 232 13.00 0.89 -29.11
C PRO A 232 13.57 -0.04 -28.06
N ILE A 233 12.78 -1.07 -27.69
CA ILE A 233 13.19 -2.02 -26.68
C ILE A 233 14.50 -2.74 -26.98
N GLU A 234 14.80 -2.93 -28.28
CA GLU A 234 16.04 -3.64 -28.62
C GLU A 234 17.30 -2.81 -28.42
N ASN A 235 17.19 -1.49 -28.25
CA ASN A 235 18.33 -0.64 -28.04
C ASN A 235 18.43 -0.18 -26.59
N THR A 236 17.42 -0.52 -25.80
CA THR A 236 17.34 -0.06 -24.42
C THR A 236 17.13 -1.20 -23.46
N ALA A 237 15.91 -1.56 -23.12
CA ALA A 237 15.63 -2.56 -22.09
C ALA A 237 16.30 -3.91 -22.32
N ARG A 238 16.28 -4.41 -23.56
CA ARG A 238 16.95 -5.72 -23.75
C ARG A 238 18.44 -5.63 -23.54
N VAL A 239 19.09 -4.51 -23.82
CA VAL A 239 20.53 -4.37 -23.61
C VAL A 239 20.82 -4.16 -22.15
N PHE A 240 19.93 -3.37 -21.52
CA PHE A 240 20.00 -3.08 -20.09
C PHE A 240 19.87 -4.36 -19.27
N HIS A 241 18.98 -5.26 -19.69
CA HIS A 241 18.75 -6.54 -19.04
C HIS A 241 20.04 -7.37 -19.05
N LYS A 242 20.83 -7.26 -20.13
CA LYS A 242 22.09 -7.99 -20.13
C LYS A 242 23.16 -7.32 -19.28
N ALA A 243 23.13 -6.00 -19.11
CA ALA A 243 24.08 -5.27 -18.32
C ALA A 243 23.80 -5.34 -16.83
N LEU A 244 22.54 -5.64 -16.48
CA LEU A 244 22.10 -5.79 -15.10
C LEU A 244 21.17 -6.99 -15.03
N PRO A 245 21.72 -8.20 -15.13
CA PRO A 245 20.95 -9.44 -15.18
C PRO A 245 20.23 -9.78 -13.91
N SER A 246 20.66 -9.25 -12.77
CA SER A 246 20.01 -9.49 -11.50
C SER A 246 18.69 -8.75 -11.37
N ALA A 247 18.44 -7.73 -12.18
CA ALA A 247 17.18 -7.00 -12.06
C ALA A 247 15.97 -7.78 -12.52
N GLU A 248 14.84 -7.63 -11.82
CA GLU A 248 13.56 -8.18 -12.27
C GLU A 248 13.28 -7.52 -13.61
N TYR A 249 12.86 -8.32 -14.59
CA TYR A 249 12.71 -7.87 -15.97
C TYR A 249 11.33 -8.18 -16.51
N VAL A 250 10.62 -7.11 -16.93
CA VAL A 250 9.25 -7.24 -17.42
C VAL A 250 9.10 -6.57 -18.76
N GLU A 251 8.62 -7.31 -19.76
CA GLU A 251 8.29 -6.77 -21.07
C GLU A 251 6.76 -6.76 -21.17
N VAL A 252 6.17 -5.61 -21.41
CA VAL A 252 4.71 -5.48 -21.49
C VAL A 252 4.37 -5.59 -22.98
N GLU A 253 3.78 -6.76 -23.29
CA GLU A 253 3.51 -7.05 -24.69
C GLU A 253 2.62 -6.05 -25.40
N GLY A 254 3.17 -5.47 -26.48
CA GLY A 254 2.46 -4.55 -27.34
C GLY A 254 2.34 -3.12 -26.81
N ALA A 255 2.85 -2.87 -25.61
CA ALA A 255 2.70 -1.52 -25.05
C ALA A 255 3.60 -0.51 -25.73
N PRO A 256 3.12 0.74 -25.82
CA PRO A 256 3.87 1.83 -26.42
C PRO A 256 4.83 2.44 -25.39
N HIS A 257 5.43 3.56 -25.78
CA HIS A 257 6.28 4.29 -24.82
C HIS A 257 5.47 4.82 -23.67
N GLY A 258 4.28 5.37 -23.95
CA GLY A 258 3.48 6.00 -22.90
C GLY A 258 2.60 5.05 -22.11
N LEU A 259 3.24 3.99 -21.61
CA LEU A 259 2.55 2.91 -20.94
C LEU A 259 2.15 3.20 -19.51
N LEU A 260 2.61 4.32 -18.93
CA LEU A 260 2.08 4.65 -17.59
C LEU A 260 0.56 4.85 -17.69
N TRP A 261 0.09 5.37 -18.81
CA TRP A 261 -1.33 5.58 -19.02
C TRP A 261 -1.96 4.41 -19.76
N THR A 262 -1.41 4.05 -20.93
CA THR A 262 -2.10 3.02 -21.73
C THR A 262 -2.14 1.65 -21.10
N HIS A 263 -1.14 1.27 -20.34
CA HIS A 263 -1.05 -0.04 -19.70
C HIS A 263 -0.81 0.14 -18.21
N ALA A 264 -1.56 1.09 -17.61
CA ALA A 264 -1.39 1.34 -16.18
C ALA A 264 -1.65 0.10 -15.34
N GLU A 265 -2.63 -0.73 -15.71
CA GLU A 265 -2.86 -1.93 -14.90
C GLU A 265 -1.62 -2.81 -14.86
N GLU A 266 -0.99 -3.08 -16.00
CA GLU A 266 0.22 -3.88 -16.01
C GLU A 266 1.40 -3.25 -15.27
N VAL A 267 1.56 -1.93 -15.45
CA VAL A 267 2.67 -1.24 -14.79
C VAL A 267 2.44 -1.26 -13.29
N ASN A 268 1.20 -0.95 -12.85
CA ASN A 268 0.93 -0.96 -11.41
C ASN A 268 1.11 -2.37 -10.82
N THR A 269 0.64 -3.40 -11.51
CA THR A 269 0.80 -4.75 -10.96
C THR A 269 2.27 -5.09 -10.76
N ALA A 270 3.11 -4.85 -11.77
CA ALA A 270 4.53 -5.12 -11.69
C ALA A 270 5.20 -4.27 -10.63
N LEU A 271 4.88 -2.94 -10.61
CA LEU A 271 5.52 -2.11 -9.59
C LEU A 271 5.17 -2.48 -8.17
N LEU A 272 3.90 -2.77 -7.87
CA LEU A 272 3.52 -3.11 -6.49
C LEU A 272 4.12 -4.45 -6.09
N ALA A 273 4.18 -5.41 -7.02
CA ALA A 273 4.77 -6.72 -6.67
C ALA A 273 6.24 -6.58 -6.33
N PHE A 274 6.94 -5.71 -7.07
CA PHE A 274 8.35 -5.46 -6.84
C PHE A 274 8.55 -4.74 -5.51
N LEU A 275 7.72 -3.74 -5.20
CA LEU A 275 7.89 -2.99 -3.97
C LEU A 275 7.50 -3.77 -2.73
N ALA A 276 6.66 -4.80 -2.89
CA ALA A 276 6.23 -5.60 -1.74
C ALA A 276 7.34 -6.52 -1.24
N LYS A 277 8.36 -6.78 -2.04
CA LYS A 277 9.47 -7.60 -1.57
C LYS A 277 10.40 -6.87 -0.62
N PRO B 1 0.12 -7.84 32.98
CA PRO B 1 1.24 -8.75 32.58
C PRO B 1 1.53 -8.51 31.11
N PHE B 2 2.75 -8.73 30.66
CA PHE B 2 3.11 -8.37 29.29
C PHE B 2 3.99 -9.42 28.64
N ILE B 3 3.87 -9.51 27.31
CA ILE B 3 4.72 -10.34 26.48
C ILE B 3 5.36 -9.44 25.43
N THR B 4 6.69 -9.48 25.32
CA THR B 4 7.38 -8.67 24.31
C THR B 4 7.30 -9.32 22.94
N VAL B 5 6.81 -8.54 21.95
CA VAL B 5 6.68 -9.08 20.60
C VAL B 5 7.58 -8.43 19.58
N GLY B 6 8.34 -7.39 19.99
CA GLY B 6 9.22 -6.76 18.98
C GLY B 6 9.83 -5.52 19.65
N GLN B 7 10.55 -4.78 18.81
CA GLN B 7 11.21 -3.56 19.27
C GLN B 7 10.79 -2.41 18.34
N GLU B 8 10.70 -1.22 18.92
CA GLU B 8 10.43 0.01 18.17
C GLU B 8 11.42 1.08 18.67
N ASN B 9 12.42 1.37 17.85
CA ASN B 9 13.47 2.31 18.25
C ASN B 9 14.07 1.89 19.59
N SER B 10 14.13 2.75 20.58
CA SER B 10 14.72 2.39 21.87
C SER B 10 13.81 1.59 22.78
N THR B 11 12.59 1.32 22.34
CA THR B 11 11.62 0.67 23.22
C THR B 11 11.26 -0.76 22.79
N SER B 12 10.73 -1.50 23.75
CA SER B 12 10.22 -2.83 23.37
C SER B 12 8.70 -2.72 23.15
N ILE B 13 8.19 -3.47 22.18
CA ILE B 13 6.74 -3.48 21.94
C ILE B 13 6.13 -4.60 22.80
N ASP B 14 5.42 -4.24 23.85
CA ASP B 14 4.91 -5.25 24.80
C ASP B 14 3.38 -5.28 24.72
N LEU B 15 2.87 -6.50 24.67
CA LEU B 15 1.42 -6.66 24.65
C LEU B 15 0.91 -7.06 26.03
N TYR B 16 -0.08 -6.33 26.49
CA TYR B 16 -0.70 -6.69 27.78
C TYR B 16 -1.50 -7.96 27.61
N TYR B 17 -1.44 -8.85 28.61
CA TYR B 17 -2.28 -10.06 28.52
C TYR B 17 -2.64 -10.52 29.92
N GLU B 18 -3.63 -11.41 29.95
CA GLU B 18 -4.06 -12.07 31.21
C GLU B 18 -4.20 -13.56 30.92
N ASP B 19 -4.10 -14.35 31.98
CA ASP B 19 -4.13 -15.82 31.85
C ASP B 19 -4.84 -16.34 33.09
N HIS B 20 -6.06 -16.82 32.95
CA HIS B 20 -6.89 -17.21 34.09
C HIS B 20 -7.46 -18.61 34.00
N GLY B 21 -7.75 -19.18 35.17
CA GLY B 21 -8.46 -20.46 35.14
C GLY B 21 -7.53 -21.63 34.89
N ALA B 22 -8.15 -22.77 34.66
CA ALA B 22 -7.43 -24.02 34.43
C ALA B 22 -8.33 -24.82 33.51
N GLY B 23 -7.76 -25.56 32.61
CA GLY B 23 -8.63 -26.33 31.67
C GLY B 23 -8.02 -26.08 30.29
N GLN B 24 -8.78 -26.45 29.25
CA GLN B 24 -8.26 -26.21 27.90
C GLN B 24 -8.05 -24.72 27.68
N PRO B 25 -6.95 -24.32 27.04
CA PRO B 25 -6.70 -22.90 26.83
C PRO B 25 -7.53 -22.33 25.72
N VAL B 26 -8.24 -21.25 26.00
CA VAL B 26 -9.07 -20.54 25.02
C VAL B 26 -8.50 -19.11 24.93
N VAL B 27 -8.00 -18.76 23.76
CA VAL B 27 -7.39 -17.44 23.54
C VAL B 27 -8.39 -16.55 22.84
N LEU B 28 -8.74 -15.43 23.49
CA LEU B 28 -9.74 -14.50 22.93
C LEU B 28 -9.05 -13.27 22.38
N ILE B 29 -9.33 -12.93 21.12
CA ILE B 29 -8.61 -11.83 20.42
C ILE B 29 -9.63 -10.77 19.99
N HIS B 30 -9.59 -9.62 20.68
CA HIS B 30 -10.60 -8.58 20.56
C HIS B 30 -10.62 -7.76 19.26
N GLY B 31 -11.69 -6.96 19.17
CA GLY B 31 -11.80 -6.12 17.95
C GLY B 31 -11.45 -4.65 18.21
N PHE B 32 -11.55 -3.88 17.14
CA PHE B 32 -11.28 -2.44 17.22
C PHE B 32 -12.44 -1.74 17.85
N PRO B 33 -12.15 -0.68 18.60
CA PRO B 33 -10.85 -0.22 19.11
C PRO B 33 -10.77 -0.54 20.60
N LEU B 34 -11.16 -1.76 20.96
CA LEU B 34 -11.28 -2.15 22.36
C LEU B 34 -10.07 -2.91 22.88
N SER B 35 -10.26 -3.89 23.76
CA SER B 35 -9.12 -4.56 24.38
C SER B 35 -9.58 -5.95 24.85
N GLY B 36 -8.70 -6.73 25.45
CA GLY B 36 -9.12 -8.08 25.91
C GLY B 36 -10.21 -7.98 26.99
N HIS B 37 -10.36 -6.85 27.69
CA HIS B 37 -11.42 -6.72 28.69
C HIS B 37 -12.80 -6.71 28.09
N SER B 38 -12.89 -6.48 26.77
CA SER B 38 -14.20 -6.44 26.13
C SER B 38 -14.85 -7.83 26.09
N TRP B 39 -14.06 -8.87 26.36
CA TRP B 39 -14.62 -10.22 26.40
C TRP B 39 -15.14 -10.55 27.78
N GLU B 40 -15.28 -9.60 28.72
CA GLU B 40 -15.63 -10.03 30.09
C GLU B 40 -16.84 -10.93 30.24
N ARG B 41 -17.91 -10.79 29.43
CA ARG B 41 -19.06 -11.68 29.57
C ARG B 41 -18.76 -13.08 29.04
N GLN B 42 -17.90 -13.22 28.04
CA GLN B 42 -17.50 -14.55 27.57
C GLN B 42 -16.43 -15.16 28.47
N SER B 43 -15.54 -14.30 28.98
CA SER B 43 -14.54 -14.82 29.93
C SER B 43 -15.19 -15.39 31.18
N ALA B 44 -16.21 -14.70 31.70
CA ALA B 44 -16.91 -15.22 32.88
C ALA B 44 -17.55 -16.57 32.59
N ALA B 45 -18.22 -16.68 31.43
CA ALA B 45 -18.89 -17.94 31.05
C ALA B 45 -17.88 -19.06 30.86
N LEU B 46 -16.76 -18.76 30.20
CA LEU B 46 -15.76 -19.80 29.96
C LEU B 46 -15.14 -20.27 31.27
N LEU B 47 -14.83 -19.32 32.17
CA LEU B 47 -14.28 -19.72 33.47
C LEU B 47 -15.30 -20.56 34.23
N ASP B 48 -16.56 -20.20 34.17
CA ASP B 48 -17.62 -20.96 34.86
C ASP B 48 -17.74 -22.37 34.31
N ALA B 49 -17.29 -22.61 33.07
CA ALA B 49 -17.39 -23.95 32.48
C ALA B 49 -16.06 -24.69 32.52
N GLY B 50 -15.08 -24.15 33.27
CA GLY B 50 -13.86 -24.94 33.48
C GLY B 50 -12.80 -24.81 32.41
N TYR B 51 -12.80 -23.70 31.67
CA TYR B 51 -11.75 -23.44 30.71
C TYR B 51 -10.68 -22.51 31.30
N ARG B 52 -9.51 -22.53 30.66
CA ARG B 52 -8.48 -21.54 30.93
C ARG B 52 -8.66 -20.43 29.90
N VAL B 53 -8.72 -19.17 30.33
CA VAL B 53 -8.97 -18.07 29.39
C VAL B 53 -7.78 -17.16 29.31
N ILE B 54 -7.27 -17.00 28.10
CA ILE B 54 -6.14 -16.10 27.83
C ILE B 54 -6.63 -14.97 26.95
N THR B 55 -6.31 -13.73 27.32
CA THR B 55 -6.70 -12.57 26.51
C THR B 55 -5.47 -11.70 26.32
N TYR B 56 -5.38 -10.96 25.22
CA TYR B 56 -4.27 -10.01 25.09
C TYR B 56 -4.80 -8.81 24.31
N ASP B 57 -4.08 -7.70 24.44
CA ASP B 57 -4.45 -6.48 23.74
C ASP B 57 -3.58 -6.30 22.51
N ARG B 58 -4.24 -6.12 21.36
CA ARG B 58 -3.46 -5.94 20.13
C ARG B 58 -2.59 -4.68 20.27
N ARG B 59 -1.44 -4.75 19.57
CA ARG B 59 -0.59 -3.55 19.55
C ARG B 59 -1.41 -2.33 19.19
N GLY B 60 -1.17 -1.25 19.96
CA GLY B 60 -1.87 0.02 19.78
C GLY B 60 -3.20 0.16 20.49
N PHE B 61 -3.65 -0.92 21.16
CA PHE B 61 -4.94 -0.92 21.84
C PHE B 61 -4.79 -1.34 23.30
N GLY B 62 -5.80 -0.93 24.07
CA GLY B 62 -5.84 -1.30 25.50
C GLY B 62 -4.57 -0.87 26.24
N GLN B 63 -3.99 -1.82 26.94
CA GLN B 63 -2.79 -1.53 27.73
C GLN B 63 -1.53 -1.92 27.04
N SER B 64 -1.62 -2.32 25.77
CA SER B 64 -0.37 -2.65 25.08
C SER B 64 0.35 -1.37 24.62
N SER B 65 1.62 -1.62 24.29
CA SER B 65 2.42 -0.54 23.71
C SER B 65 1.70 -0.02 22.48
N GLN B 66 2.07 1.22 22.13
CA GLN B 66 1.48 1.95 21.02
C GLN B 66 2.46 2.34 19.93
N PRO B 67 3.07 1.38 19.26
CA PRO B 67 4.03 1.67 18.18
C PRO B 67 3.33 2.37 17.05
N THR B 68 4.14 2.98 16.17
CA THR B 68 3.66 3.60 14.95
C THR B 68 4.04 2.78 13.72
N THR B 69 4.25 1.49 13.94
CA THR B 69 4.65 0.55 12.89
C THR B 69 3.98 -0.81 13.14
N GLY B 70 3.81 -1.57 12.04
CA GLY B 70 3.26 -2.90 12.21
C GLY B 70 1.77 -3.11 12.13
N TYR B 71 1.03 -2.16 11.57
CA TYR B 71 -0.41 -2.30 11.45
C TYR B 71 -0.71 -2.98 10.13
N ASP B 72 -0.64 -4.31 10.22
CA ASP B 72 -0.87 -5.20 9.07
C ASP B 72 -1.05 -6.60 9.60
N TYR B 73 -1.82 -7.47 8.92
CA TYR B 73 -2.09 -8.80 9.47
C TYR B 73 -0.87 -9.73 9.55
N ASP B 74 0.16 -9.55 8.72
CA ASP B 74 1.34 -10.39 8.95
C ASP B 74 1.95 -10.04 10.31
N THR B 75 2.05 -8.75 10.66
CA THR B 75 2.61 -8.41 11.96
C THR B 75 1.67 -8.82 13.09
N PHE B 76 0.36 -8.57 12.89
CA PHE B 76 -0.57 -9.01 13.97
C PHE B 76 -0.51 -10.52 14.20
N ALA B 77 -0.34 -11.32 13.14
CA ALA B 77 -0.24 -12.77 13.29
C ALA B 77 1.11 -13.20 13.87
N ALA B 78 2.17 -12.44 13.56
CA ALA B 78 3.47 -12.73 14.18
C ALA B 78 3.42 -12.41 15.67
N ASP B 79 2.66 -11.37 16.06
CA ASP B 79 2.50 -11.07 17.50
C ASP B 79 1.76 -12.22 18.17
N LEU B 80 0.68 -12.73 17.55
CA LEU B 80 -0.02 -13.87 18.14
C LEU B 80 0.91 -15.09 18.19
N ASN B 81 1.69 -15.32 17.12
CA ASN B 81 2.65 -16.44 17.19
C ASN B 81 3.55 -16.29 18.39
N THR B 82 4.11 -15.11 18.65
CA THR B 82 4.96 -14.92 19.83
C THR B 82 4.21 -15.21 21.11
N VAL B 83 2.98 -14.76 21.25
CA VAL B 83 2.20 -15.06 22.43
C VAL B 83 2.06 -16.57 22.64
N LEU B 84 1.68 -17.27 21.58
CA LEU B 84 1.39 -18.70 21.70
C LEU B 84 2.65 -19.51 21.98
N GLU B 85 3.77 -19.09 21.36
CA GLU B 85 5.03 -19.78 21.65
C GLU B 85 5.52 -19.49 23.06
N THR B 86 5.38 -18.24 23.50
CA THR B 86 5.83 -17.88 24.86
C THR B 86 5.08 -18.66 25.91
N LEU B 87 3.76 -18.79 25.73
CA LEU B 87 2.94 -19.54 26.68
C LEU B 87 3.01 -21.05 26.46
N ASP B 88 3.57 -21.48 25.34
CA ASP B 88 3.73 -22.86 24.92
C ASP B 88 2.42 -23.62 24.99
N LEU B 89 1.39 -22.98 24.38
CA LEU B 89 0.08 -23.60 24.45
C LEU B 89 -0.11 -24.77 23.50
N GLN B 90 -0.91 -25.72 23.97
CA GLN B 90 -1.25 -26.88 23.12
C GLN B 90 -2.74 -27.14 23.20
N ASP B 91 -3.30 -27.71 22.13
CA ASP B 91 -4.74 -27.99 22.06
C ASP B 91 -5.54 -26.73 22.37
N ALA B 92 -5.06 -25.60 21.86
CA ALA B 92 -5.70 -24.32 22.17
C ALA B 92 -6.85 -24.01 21.24
N VAL B 93 -7.76 -23.18 21.73
CA VAL B 93 -8.87 -22.68 20.92
C VAL B 93 -8.56 -21.19 20.66
N LEU B 94 -8.63 -20.77 19.42
CA LEU B 94 -8.47 -19.35 19.11
C LEU B 94 -9.85 -18.76 18.75
N VAL B 95 -10.26 -17.74 19.50
CA VAL B 95 -11.56 -17.12 19.22
C VAL B 95 -11.30 -15.65 18.83
N GLY B 96 -11.67 -15.27 17.61
CA GLY B 96 -11.49 -13.85 17.25
C GLY B 96 -12.84 -13.16 17.19
N PHE B 97 -12.82 -11.86 17.51
CA PHE B 97 -13.98 -11.00 17.32
C PHE B 97 -13.54 -9.91 16.34
N SER B 98 -14.25 -9.79 15.23
CA SER B 98 -14.01 -8.71 14.24
C SER B 98 -12.56 -8.61 13.81
N MET B 99 -11.81 -7.53 14.20
CA MET B 99 -10.37 -7.59 13.81
C MET B 99 -9.71 -8.89 14.25
N GLY B 100 -10.06 -9.46 15.42
CA GLY B 100 -9.41 -10.69 15.84
C GLY B 100 -9.60 -11.87 14.90
N THR B 101 -10.68 -11.89 14.12
CA THR B 101 -10.87 -12.95 13.12
C THR B 101 -9.77 -12.87 12.06
N GLY B 102 -9.10 -11.74 11.85
CA GLY B 102 -7.96 -11.69 10.93
C GLY B 102 -6.72 -12.35 11.51
N GLU B 103 -6.46 -12.12 12.81
CA GLU B 103 -5.32 -12.80 13.43
C GLU B 103 -5.53 -14.31 13.33
N VAL B 104 -6.77 -14.78 13.58
CA VAL B 104 -6.96 -16.24 13.54
C VAL B 104 -6.66 -16.80 12.14
N ALA B 105 -7.26 -16.22 11.09
CA ALA B 105 -7.05 -16.76 9.75
C ALA B 105 -5.60 -16.61 9.29
N ARG B 106 -4.97 -15.43 9.48
CA ARG B 106 -3.59 -15.25 9.00
C ARG B 106 -2.62 -16.09 9.80
N TYR B 107 -2.82 -16.24 11.12
CA TYR B 107 -1.93 -17.10 11.90
C TYR B 107 -2.02 -18.55 11.43
N VAL B 108 -3.23 -19.09 11.27
CA VAL B 108 -3.33 -20.50 10.84
C VAL B 108 -2.71 -20.64 9.45
N SER B 109 -2.96 -19.67 8.59
CA SER B 109 -2.39 -19.72 7.25
C SER B 109 -0.86 -19.73 7.22
N SER B 110 -0.26 -18.81 7.99
CA SER B 110 1.19 -18.68 7.96
C SER B 110 1.94 -19.63 8.88
N TYR B 111 1.37 -19.99 10.02
CA TYR B 111 2.09 -20.77 11.01
C TYR B 111 1.54 -22.17 11.22
N GLY B 112 0.36 -22.48 10.68
CA GLY B 112 -0.20 -23.81 10.81
C GLY B 112 -0.94 -23.99 12.15
N THR B 113 -1.43 -25.19 12.34
CA THR B 113 -2.30 -25.47 13.49
C THR B 113 -1.75 -26.52 14.42
N ALA B 114 -0.42 -26.67 14.54
CA ALA B 114 0.09 -27.66 15.48
C ALA B 114 -0.34 -27.43 16.93
N ARG B 115 -0.53 -26.17 17.35
CA ARG B 115 -0.94 -25.90 18.72
C ARG B 115 -2.45 -25.71 18.84
N ILE B 116 -3.20 -25.87 17.76
CA ILE B 116 -4.59 -25.42 17.75
C ILE B 116 -5.60 -26.55 17.58
N ALA B 117 -6.60 -26.63 18.45
CA ALA B 117 -7.65 -27.64 18.35
C ALA B 117 -8.92 -27.13 17.70
N LYS B 118 -9.23 -25.83 17.83
CA LYS B 118 -10.48 -25.27 17.26
C LYS B 118 -10.29 -23.78 17.03
N VAL B 119 -11.06 -23.24 16.06
CA VAL B 119 -11.05 -21.79 15.87
C VAL B 119 -12.50 -21.29 15.83
N ALA B 120 -12.72 -20.05 16.28
CA ALA B 120 -14.07 -19.48 16.22
C ALA B 120 -13.93 -18.05 15.68
N PHE B 121 -14.83 -17.69 14.77
CA PHE B 121 -14.82 -16.38 14.11
C PHE B 121 -16.14 -15.68 14.40
N LEU B 122 -16.08 -14.60 15.21
CA LEU B 122 -17.29 -13.89 15.61
C LEU B 122 -17.25 -12.51 14.99
N ALA B 123 -18.33 -12.13 14.30
CA ALA B 123 -18.40 -10.82 13.63
C ALA B 123 -17.19 -10.61 12.73
N SER B 124 -17.02 -11.59 11.84
CA SER B 124 -15.83 -11.69 11.02
C SER B 124 -15.65 -10.62 9.93
N LEU B 125 -14.37 -10.45 9.63
CA LEU B 125 -13.96 -9.60 8.53
C LEU B 125 -14.05 -10.39 7.22
N GLU B 126 -13.73 -11.68 7.29
CA GLU B 126 -13.59 -12.51 6.08
C GLU B 126 -14.84 -12.60 5.24
N PRO B 127 -14.62 -12.87 3.94
CA PRO B 127 -13.34 -13.15 3.35
C PRO B 127 -12.50 -11.98 2.89
N PHE B 128 -13.15 -10.88 2.51
CA PHE B 128 -12.42 -9.72 1.94
C PHE B 128 -13.43 -8.60 1.75
N LEU B 129 -13.29 -7.53 2.56
CA LEU B 129 -14.35 -6.52 2.56
C LEU B 129 -14.40 -5.62 1.34
N LEU B 130 -13.33 -5.51 0.57
CA LEU B 130 -13.42 -4.55 -0.56
C LEU B 130 -14.25 -5.09 -1.70
N LYS B 131 -15.15 -4.25 -2.20
CA LYS B 131 -15.93 -4.56 -3.39
C LYS B 131 -15.09 -4.18 -4.61
N THR B 132 -14.60 -5.19 -5.32
CA THR B 132 -13.71 -4.93 -6.46
C THR B 132 -14.13 -5.80 -7.63
N ASP B 133 -13.46 -5.65 -8.79
CA ASP B 133 -13.81 -6.51 -9.92
C ASP B 133 -13.55 -7.99 -9.63
N ASP B 134 -12.48 -8.32 -8.94
CA ASP B 134 -12.15 -9.70 -8.60
C ASP B 134 -12.90 -10.16 -7.35
N ASN B 135 -13.49 -9.23 -6.61
CA ASN B 135 -14.26 -9.58 -5.41
C ASN B 135 -15.60 -8.88 -5.36
N PRO B 136 -16.54 -9.28 -6.21
CA PRO B 136 -17.87 -8.70 -6.25
C PRO B 136 -18.69 -8.90 -4.99
N ASP B 137 -18.34 -9.85 -4.12
CA ASP B 137 -19.04 -10.08 -2.87
C ASP B 137 -18.66 -9.10 -1.76
N GLY B 138 -17.70 -8.21 -1.99
CA GLY B 138 -17.26 -7.25 -1.00
C GLY B 138 -18.34 -6.31 -0.50
N ALA B 139 -18.10 -5.79 0.72
CA ALA B 139 -19.10 -4.91 1.34
C ALA B 139 -19.16 -3.51 0.78
N ALA B 140 -18.00 -2.95 0.40
CA ALA B 140 -18.03 -1.56 -0.07
C ALA B 140 -16.73 -1.25 -0.81
N PRO B 141 -16.76 -0.26 -1.69
CA PRO B 141 -15.54 0.15 -2.38
C PRO B 141 -14.53 0.65 -1.34
N LYS B 142 -13.26 0.63 -1.74
CA LYS B 142 -12.21 1.09 -0.79
C LYS B 142 -12.42 2.53 -0.33
N GLU B 143 -12.96 3.40 -1.17
CA GLU B 143 -13.17 4.78 -0.73
C GLU B 143 -14.04 4.88 0.51
N PHE B 144 -14.96 3.94 0.77
CA PHE B 144 -15.75 4.00 1.99
C PHE B 144 -14.86 3.85 3.22
N PHE B 145 -13.93 2.87 3.13
CA PHE B 145 -13.05 2.66 4.29
C PHE B 145 -12.06 3.80 4.38
N ASP B 146 -11.64 4.37 3.24
CA ASP B 146 -10.75 5.53 3.28
C ASP B 146 -11.40 6.67 4.04
N GLY B 147 -12.71 6.81 3.88
CA GLY B 147 -13.45 7.87 4.60
C GLY B 147 -13.51 7.60 6.11
N ILE B 148 -13.53 6.34 6.52
CA ILE B 148 -13.50 6.04 7.97
C ILE B 148 -12.15 6.45 8.53
N VAL B 149 -11.06 6.10 7.84
CA VAL B 149 -9.72 6.49 8.28
C VAL B 149 -9.62 8.01 8.39
N ALA B 150 -10.14 8.72 7.38
CA ALA B 150 -10.10 10.20 7.45
C ALA B 150 -10.90 10.74 8.62
N ALA B 151 -12.02 10.11 8.97
CA ALA B 151 -12.79 10.59 10.12
C ALA B 151 -12.08 10.34 11.45
N VAL B 152 -11.33 9.23 11.55
CA VAL B 152 -10.53 9.00 12.77
C VAL B 152 -9.46 10.07 12.87
N LYS B 153 -8.75 10.35 11.77
CA LYS B 153 -7.67 11.33 11.79
C LYS B 153 -8.17 12.75 12.07
N ALA B 154 -9.44 13.01 11.74
CA ALA B 154 -9.97 14.35 11.99
C ALA B 154 -10.22 14.60 13.48
N ASP B 155 -10.66 13.60 14.21
CA ASP B 155 -10.88 13.79 15.66
C ASP B 155 -11.33 12.39 16.12
N ARG B 156 -10.39 11.63 16.65
CA ARG B 156 -10.74 10.25 16.99
C ARG B 156 -11.75 10.19 18.12
N TYR B 157 -11.63 11.13 19.04
CA TYR B 157 -12.50 11.13 20.22
C TYR B 157 -13.95 11.33 19.82
N ALA B 158 -14.23 12.25 18.91
CA ALA B 158 -15.60 12.43 18.41
C ALA B 158 -16.01 11.30 17.50
N PHE B 159 -15.06 10.78 16.72
CA PHE B 159 -15.35 9.64 15.84
C PHE B 159 -15.89 8.47 16.67
N TYR B 160 -15.34 8.22 17.86
CA TYR B 160 -15.78 7.06 18.65
C TYR B 160 -17.25 7.14 19.02
N THR B 161 -17.80 8.34 19.20
CA THR B 161 -19.23 8.40 19.58
C THR B 161 -20.14 7.82 18.50
N GLY B 162 -19.99 8.31 17.26
CA GLY B 162 -20.81 7.80 16.16
C GLY B 162 -20.48 6.34 15.86
N PHE B 163 -19.19 6.00 15.99
CA PHE B 163 -18.79 4.60 15.81
C PHE B 163 -19.54 3.66 16.75
N PHE B 164 -19.58 3.99 18.03
CA PHE B 164 -20.28 3.08 18.95
C PHE B 164 -21.78 3.17 18.77
N ASN B 165 -22.33 4.25 18.28
CA ASN B 165 -23.77 4.30 18.05
C ASN B 165 -24.12 3.22 17.05
N ASP B 166 -23.35 3.04 15.98
CA ASP B 166 -23.68 1.98 15.03
C ASP B 166 -23.11 0.64 15.43
N PHE B 167 -22.01 0.62 16.20
CA PHE B 167 -21.42 -0.65 16.62
C PHE B 167 -22.39 -1.44 17.47
N TYR B 168 -23.11 -0.75 18.37
CA TYR B 168 -24.04 -1.39 19.28
C TYR B 168 -25.52 -1.20 18.88
N ASN B 169 -25.84 -0.67 17.69
CA ASN B 169 -27.23 -0.34 17.35
C ASN B 169 -27.93 0.36 18.52
N LEU B 170 -27.36 1.51 18.93
CA LEU B 170 -27.88 2.15 20.16
C LEU B 170 -29.31 2.63 20.02
N ASP B 171 -29.72 2.96 18.80
CA ASP B 171 -31.14 3.32 18.65
C ASP B 171 -32.06 2.18 19.06
N GLU B 172 -31.70 0.94 18.99
CA GLU B 172 -32.45 -0.23 19.36
C GLU B 172 -32.10 -0.72 20.76
N ASN B 173 -30.82 -0.62 21.13
CA ASN B 173 -30.34 -1.30 22.33
C ASN B 173 -29.98 -0.43 23.53
N LEU B 174 -29.86 0.87 23.40
CA LEU B 174 -29.48 1.67 24.55
C LEU B 174 -30.56 1.59 25.62
N GLY B 175 -30.18 1.23 26.83
CA GLY B 175 -31.19 1.07 27.88
C GLY B 175 -31.84 -0.30 27.96
N THR B 176 -31.58 -1.19 27.00
CA THR B 176 -32.16 -2.54 27.09
C THR B 176 -30.95 -3.47 27.19
N ARG B 177 -30.36 -3.67 26.00
CA ARG B 177 -29.24 -4.60 25.92
C ARG B 177 -27.88 -4.00 26.28
N ILE B 178 -27.79 -2.67 26.25
CA ILE B 178 -26.51 -2.06 26.67
C ILE B 178 -26.83 -0.75 27.40
N SER B 179 -26.21 -0.58 28.57
CA SER B 179 -26.43 0.68 29.31
C SER B 179 -25.55 1.81 28.81
N GLU B 180 -25.94 3.04 29.13
CA GLU B 180 -25.11 4.19 28.84
C GLU B 180 -23.73 4.05 29.50
N GLU B 181 -23.67 3.47 30.70
CA GLU B 181 -22.39 3.24 31.37
C GLU B 181 -21.48 2.26 30.65
N ALA B 182 -22.05 1.17 30.13
CA ALA B 182 -21.20 0.23 29.37
C ALA B 182 -20.73 0.85 28.07
N VAL B 183 -21.54 1.71 27.43
CA VAL B 183 -21.02 2.39 26.22
C VAL B 183 -19.90 3.35 26.63
N ARG B 184 -20.07 4.06 27.74
CA ARG B 184 -19.03 5.00 28.18
C ARG B 184 -17.73 4.24 28.43
N ASN B 185 -17.81 3.05 29.05
CA ASN B 185 -16.60 2.25 29.23
C ASN B 185 -15.93 1.92 27.91
N SER B 186 -16.68 1.62 26.85
CA SER B 186 -16.12 1.34 25.54
C SER B 186 -15.41 2.57 24.97
N TRP B 187 -16.07 3.73 25.14
CA TRP B 187 -15.42 4.97 24.67
C TRP B 187 -14.10 5.19 25.41
N ASN B 188 -14.11 4.99 26.73
CA ASN B 188 -12.85 5.17 27.47
C ASN B 188 -11.77 4.24 26.97
N THR B 189 -12.12 2.98 26.70
CA THR B 189 -11.11 2.06 26.18
C THR B 189 -10.55 2.53 24.85
N ALA B 190 -11.46 2.96 23.96
CA ALA B 190 -11.07 3.48 22.65
C ALA B 190 -10.10 4.66 22.80
N ALA B 191 -10.47 5.59 23.68
CA ALA B 191 -9.58 6.76 23.83
C ALA B 191 -8.23 6.39 24.41
N SER B 192 -8.13 5.31 25.18
CA SER B 192 -6.86 4.85 25.75
C SER B 192 -5.96 4.21 24.72
N GLY B 193 -6.51 3.77 23.58
CA GLY B 193 -5.68 3.21 22.52
C GLY B 193 -4.80 4.28 21.90
N GLY B 194 -3.76 3.82 21.18
CA GLY B 194 -2.84 4.76 20.57
C GLY B 194 -3.44 5.58 19.44
N PHE B 195 -3.00 6.87 19.32
CA PHE B 195 -3.55 7.67 18.20
C PHE B 195 -3.22 7.08 16.84
N PHE B 196 -1.98 6.55 16.68
CA PHE B 196 -1.55 6.08 15.35
C PHE B 196 -2.32 4.82 14.98
N ALA B 197 -2.42 3.90 15.93
CA ALA B 197 -3.18 2.65 15.67
C ALA B 197 -4.63 2.94 15.38
N ALA B 198 -5.20 3.98 16.00
CA ALA B 198 -6.62 4.27 15.78
C ALA B 198 -6.91 4.52 14.31
N ALA B 199 -6.00 5.28 13.66
CA ALA B 199 -6.19 5.55 12.24
C ALA B 199 -5.55 4.55 11.31
N ALA B 200 -4.57 3.78 11.75
CA ALA B 200 -3.92 2.80 10.88
C ALA B 200 -4.65 1.46 10.89
N ALA B 201 -5.24 1.09 12.04
CA ALA B 201 -5.96 -0.20 12.08
C ALA B 201 -7.04 -0.38 11.06
N PRO B 202 -7.90 0.59 10.76
CA PRO B 202 -8.96 0.45 9.78
C PRO B 202 -8.42 0.13 8.38
N THR B 203 -7.17 0.51 8.05
CA THR B 203 -6.62 0.14 6.75
C THR B 203 -6.40 -1.38 6.64
N THR B 204 -6.34 -2.09 7.77
CA THR B 204 -6.18 -3.55 7.73
C THR B 204 -7.52 -4.26 7.65
N TRP B 205 -8.63 -3.58 7.93
CA TRP B 205 -9.93 -4.26 7.96
C TRP B 205 -10.24 -4.96 6.65
N TYR B 206 -9.86 -4.33 5.53
CA TYR B 206 -10.18 -4.81 4.21
C TYR B 206 -9.07 -5.65 3.59
N THR B 207 -8.26 -6.28 4.43
CA THR B 207 -7.27 -7.26 3.98
C THR B 207 -7.99 -8.40 3.28
N ASP B 208 -7.38 -8.91 2.20
CA ASP B 208 -7.97 -10.06 1.48
C ASP B 208 -7.47 -11.34 2.16
N PHE B 209 -8.41 -12.06 2.78
CA PHE B 209 -8.07 -13.32 3.44
C PHE B 209 -8.47 -14.54 2.62
N ARG B 210 -8.81 -14.34 1.33
CA ARG B 210 -9.28 -15.51 0.57
C ARG B 210 -8.25 -16.60 0.45
N ALA B 211 -6.95 -16.28 0.41
CA ALA B 211 -5.97 -17.35 0.28
C ALA B 211 -5.62 -17.96 1.63
N ASP B 212 -6.04 -17.28 2.72
CA ASP B 212 -5.80 -17.87 4.04
C ASP B 212 -6.84 -18.90 4.41
N ILE B 213 -8.08 -18.71 3.95
CA ILE B 213 -9.20 -19.57 4.33
C ILE B 213 -9.03 -21.04 4.00
N PRO B 214 -8.50 -21.42 2.86
CA PRO B 214 -8.28 -22.83 2.59
C PRO B 214 -7.31 -23.50 3.52
N ARG B 215 -6.52 -22.78 4.32
CA ARG B 215 -5.59 -23.35 5.26
C ARG B 215 -6.18 -23.58 6.63
N ILE B 216 -7.47 -23.23 6.81
CA ILE B 216 -8.11 -23.44 8.11
C ILE B 216 -8.52 -24.91 8.18
N ASP B 217 -7.70 -25.73 8.83
CA ASP B 217 -7.86 -27.16 8.83
C ASP B 217 -8.10 -27.74 10.20
N VAL B 218 -8.88 -27.01 11.00
CA VAL B 218 -9.34 -27.45 12.31
C VAL B 218 -10.82 -27.12 12.42
N PRO B 219 -11.56 -27.73 13.35
CA PRO B 219 -12.97 -27.43 13.54
C PRO B 219 -13.18 -25.94 13.78
N ALA B 220 -14.22 -25.40 13.18
CA ALA B 220 -14.41 -23.95 13.16
C ALA B 220 -15.88 -23.59 13.35
N LEU B 221 -16.06 -22.40 13.95
CA LEU B 221 -17.38 -21.82 14.14
C LEU B 221 -17.39 -20.43 13.51
N ILE B 222 -18.45 -20.09 12.76
CA ILE B 222 -18.60 -18.73 12.25
C ILE B 222 -19.91 -18.22 12.86
N LEU B 223 -19.87 -17.06 13.50
CA LEU B 223 -21.06 -16.53 14.17
C LEU B 223 -21.14 -15.02 13.87
N HIS B 224 -22.39 -14.57 13.60
CA HIS B 224 -22.52 -13.15 13.20
C HIS B 224 -23.91 -12.65 13.59
N GLY B 225 -24.08 -11.35 13.81
CA GLY B 225 -25.41 -10.80 14.09
C GLY B 225 -26.09 -10.39 12.77
N THR B 226 -27.41 -10.62 12.72
CA THR B 226 -28.10 -10.25 11.47
C THR B 226 -28.31 -8.74 11.40
N GLY B 227 -28.15 -8.04 12.53
CA GLY B 227 -28.27 -6.59 12.49
C GLY B 227 -26.94 -5.84 12.51
N ASP B 228 -25.86 -6.51 12.08
CA ASP B 228 -24.56 -5.87 12.11
C ASP B 228 -24.45 -4.77 11.05
N ARG B 229 -24.39 -3.52 11.53
CA ARG B 229 -24.34 -2.41 10.58
C ARG B 229 -22.93 -2.12 10.12
N THR B 230 -21.97 -2.61 10.89
CA THR B 230 -20.56 -2.32 10.70
C THR B 230 -19.95 -3.22 9.64
N LEU B 231 -20.23 -4.52 9.75
CA LEU B 231 -19.78 -5.58 8.86
C LEU B 231 -21.01 -6.36 8.43
N PRO B 232 -21.59 -6.01 7.28
CA PRO B 232 -22.86 -6.61 6.86
C PRO B 232 -22.74 -8.12 6.75
N ILE B 233 -23.72 -8.81 7.34
CA ILE B 233 -23.67 -10.28 7.32
C ILE B 233 -23.62 -10.82 5.90
N GLU B 234 -24.27 -10.16 4.93
CA GLU B 234 -24.26 -10.71 3.58
C GLU B 234 -22.89 -10.71 2.91
N ASN B 235 -22.00 -9.80 3.31
CA ASN B 235 -20.70 -9.72 2.65
C ASN B 235 -19.59 -10.28 3.50
N THR B 236 -19.92 -10.81 4.67
CA THR B 236 -18.89 -11.35 5.56
C THR B 236 -19.32 -12.78 5.93
N ALA B 237 -20.00 -12.99 7.04
CA ALA B 237 -20.31 -14.36 7.45
C ALA B 237 -20.97 -15.24 6.40
N ARG B 238 -21.92 -14.73 5.63
CA ARG B 238 -22.60 -15.61 4.67
C ARG B 238 -21.67 -16.06 3.54
N VAL B 239 -20.78 -15.19 3.11
CA VAL B 239 -19.79 -15.54 2.09
C VAL B 239 -18.70 -16.38 2.73
N PHE B 240 -18.36 -16.11 4.00
CA PHE B 240 -17.32 -16.90 4.66
C PHE B 240 -17.78 -18.32 4.85
N HIS B 241 -19.05 -18.54 5.15
CA HIS B 241 -19.48 -19.96 5.27
C HIS B 241 -19.42 -20.66 3.94
N LYS B 242 -19.62 -19.99 2.80
CA LYS B 242 -19.41 -20.68 1.51
C LYS B 242 -17.95 -21.02 1.32
N ALA B 243 -17.01 -20.19 1.79
CA ALA B 243 -15.59 -20.39 1.63
C ALA B 243 -15.02 -21.41 2.61
N LEU B 244 -15.71 -21.58 3.74
CA LEU B 244 -15.30 -22.49 4.80
C LEU B 244 -16.50 -23.33 5.23
N PRO B 245 -16.94 -24.22 4.33
CA PRO B 245 -18.17 -24.97 4.53
C PRO B 245 -18.12 -26.01 5.63
N SER B 246 -16.88 -26.37 6.07
CA SER B 246 -16.78 -27.28 7.21
C SER B 246 -17.10 -26.59 8.53
N ALA B 247 -17.19 -25.24 8.56
CA ALA B 247 -17.47 -24.61 9.84
C ALA B 247 -18.93 -24.78 10.27
N GLU B 248 -19.14 -24.80 11.58
CA GLU B 248 -20.47 -24.66 12.16
C GLU B 248 -20.85 -23.18 11.98
N TYR B 249 -22.14 -22.92 11.82
CA TYR B 249 -22.53 -21.54 11.44
C TYR B 249 -23.76 -21.08 12.22
N VAL B 250 -23.65 -19.89 12.83
CA VAL B 250 -24.75 -19.36 13.62
C VAL B 250 -25.01 -17.89 13.27
N GLU B 251 -26.28 -17.55 13.04
CA GLU B 251 -26.70 -16.16 12.90
C GLU B 251 -27.51 -15.81 14.13
N VAL B 252 -27.08 -14.75 14.82
CA VAL B 252 -27.78 -14.28 16.00
C VAL B 252 -28.81 -13.23 15.59
N GLU B 253 -30.07 -13.63 15.74
CA GLU B 253 -31.18 -12.80 15.29
C GLU B 253 -31.25 -11.41 15.91
N GLY B 254 -31.13 -10.43 15.01
CA GLY B 254 -31.26 -9.03 15.38
C GLY B 254 -30.04 -8.42 16.04
N ALA B 255 -28.96 -9.20 16.17
CA ALA B 255 -27.84 -8.67 16.96
C ALA B 255 -27.00 -7.71 16.15
N PRO B 256 -26.38 -6.75 16.82
CA PRO B 256 -25.54 -5.76 16.17
C PRO B 256 -24.12 -6.30 16.02
N HIS B 257 -23.22 -5.40 15.61
CA HIS B 257 -21.81 -5.77 15.56
C HIS B 257 -21.30 -6.06 16.96
N GLY B 258 -21.63 -5.22 17.96
CA GLY B 258 -21.12 -5.35 19.33
C GLY B 258 -21.88 -6.37 20.15
N LEU B 259 -22.02 -7.58 19.58
CA LEU B 259 -22.85 -8.61 20.21
C LEU B 259 -22.20 -9.35 21.34
N LEU B 260 -20.90 -9.18 21.59
CA LEU B 260 -20.30 -9.83 22.77
C LEU B 260 -21.01 -9.31 24.02
N TRP B 261 -21.39 -8.02 24.00
CA TRP B 261 -22.10 -7.50 25.17
C TRP B 261 -23.62 -7.55 24.96
N THR B 262 -24.11 -7.05 23.84
CA THR B 262 -25.58 -6.96 23.76
C THR B 262 -26.29 -8.30 23.73
N HIS B 263 -25.65 -9.30 23.15
CA HIS B 263 -26.21 -10.63 23.01
C HIS B 263 -25.24 -11.65 23.62
N ALA B 264 -24.75 -11.32 24.82
CA ALA B 264 -23.79 -12.20 25.49
C ALA B 264 -24.36 -13.59 25.69
N GLU B 265 -25.63 -13.69 26.12
CA GLU B 265 -26.16 -15.04 26.36
C GLU B 265 -26.19 -15.85 25.06
N GLU B 266 -26.56 -15.25 23.93
CA GLU B 266 -26.64 -15.96 22.68
C GLU B 266 -25.24 -16.35 22.16
N VAL B 267 -24.27 -15.45 22.36
CA VAL B 267 -22.88 -15.75 21.98
C VAL B 267 -22.34 -16.86 22.88
N ASN B 268 -22.54 -16.75 24.20
CA ASN B 268 -22.00 -17.73 25.14
C ASN B 268 -22.64 -19.11 24.91
N THR B 269 -23.94 -19.19 24.69
CA THR B 269 -24.53 -20.52 24.45
C THR B 269 -23.97 -21.15 23.20
N ALA B 270 -23.84 -20.37 22.11
CA ALA B 270 -23.28 -20.93 20.88
C ALA B 270 -21.81 -21.29 20.97
N LEU B 271 -21.04 -20.41 21.63
CA LEU B 271 -19.59 -20.69 21.76
C LEU B 271 -19.35 -21.89 22.64
N LEU B 272 -20.01 -21.99 23.79
CA LEU B 272 -19.75 -23.15 24.65
C LEU B 272 -20.30 -24.41 24.02
N ALA B 273 -21.38 -24.36 23.25
CA ALA B 273 -21.85 -25.60 22.62
C ALA B 273 -20.80 -26.07 21.64
N PHE B 274 -20.16 -25.15 20.93
CA PHE B 274 -19.12 -25.50 19.94
C PHE B 274 -17.89 -26.04 20.64
N LEU B 275 -17.48 -25.42 21.76
CA LEU B 275 -16.26 -25.87 22.43
C LEU B 275 -16.48 -27.18 23.15
N ALA B 276 -17.72 -27.53 23.45
CA ALA B 276 -18.00 -28.82 24.13
C ALA B 276 -17.73 -29.99 23.21
N LYS B 277 -17.67 -29.79 21.90
CA LYS B 277 -17.47 -30.85 20.93
C LYS B 277 -16.01 -31.16 20.64
#